data_7MM5
#
_entry.id   7MM5
#
_cell.length_a   54.276
_cell.length_b   58.629
_cell.length_c   59.834
_cell.angle_alpha   90.000
_cell.angle_beta   90.000
_cell.angle_gamma   90.000
#
_symmetry.space_group_name_H-M   'P 21 21 21'
#
loop_
_entity.id
_entity.type
_entity.pdbx_description
1 polymer 'NS3/4a protease'
2 non-polymer 'ZINC ION'
3 non-polymer '(1R)-1-cyclopentyl-2,2,2-trifluoroethyl {(2R,4R,6S,12Z,13aS,14aR,16aS)-2-[(7-methoxy-3-methylquinoxalin-2-yl)oxy]-14a-[(1-methylcyclopropane-1-sulfonyl)carbamoyl]-5,16-dioxo-1,2,3,5,6,7,8,9,10,11,13a,14,14a,15,16,16a-hexadecahydrocyclopropa[e]pyrrolo[1,2-a][1,4]diazacyclopentadecin-6-yl}carbamate'
4 non-polymer 1,2-ETHANEDIOL
5 non-polymer 'SULFATE ION'
6 water water
#
_entity_poly.entity_id   1
_entity_poly.type   'polypeptide(L)'
_entity_poly.pdbx_seq_one_letter_code
;HMASMKKKGSVVIVGRINLSGDTAYAQQTRGEEGCQETSQTGRDKNQVEGEVQIVSTATQTFLATSINGVLWTVYHGAGT
RTIASPKGPVTQMYTNVDKDLVGWQAPQGSRSLTPCTCGSSDLYLVTRHADVIPVRRRGDSRGSLLSPRPISYLKGSSGG
PLLCPAGHAVGIFRAAVSTRGVAKAVDFIPVESLETTMRS
;
_entity_poly.pdbx_strand_id   A
#
loop_
_chem_comp.id
_chem_comp.type
_chem_comp.name
_chem_comp.formula
EDO non-polymer 1,2-ETHANEDIOL 'C2 H6 O2'
SO4 non-polymer 'SULFATE ION' 'O4 S -2'
ZK4 non-polymer '(1R)-1-cyclopentyl-2,2,2-trifluoroethyl {(2R,4R,6S,12Z,13aS,14aR,16aS)-2-[(7-methoxy-3-methylquinoxalin-2-yl)oxy]-14a-[(1-methylcyclopropane-1-sulfonyl)carbamoyl]-5,16-dioxo-1,2,3,5,6,7,8,9,10,11,13a,14,14a,15,16,16a-hexadecahydrocyclopropa[e]pyrrolo[1,2-a][1,4]diazacyclopentadecin-6-yl}carbamate' 'C40 H51 F3 N6 O9 S'
ZN non-polymer 'ZINC ION' 'Zn 2'
#
# COMPACT_ATOMS: atom_id res chain seq x y z
N LYS A 6 -20.97 -18.15 -5.54
CA LYS A 6 -19.53 -18.07 -5.71
C LYS A 6 -18.87 -17.37 -4.53
N LYS A 7 -17.54 -17.46 -4.46
CA LYS A 7 -16.76 -16.82 -3.42
C LYS A 7 -15.77 -15.86 -4.06
N LYS A 8 -15.61 -14.69 -3.44
CA LYS A 8 -14.63 -13.73 -3.93
C LYS A 8 -13.21 -14.25 -3.72
N GLY A 9 -12.33 -13.93 -4.66
CA GLY A 9 -10.97 -14.39 -4.60
C GLY A 9 -10.16 -13.66 -3.55
N SER A 10 -8.91 -14.09 -3.42
CA SER A 10 -7.97 -13.47 -2.50
C SER A 10 -7.26 -12.31 -3.17
N VAL A 11 -6.80 -11.36 -2.36
CA VAL A 11 -5.81 -10.40 -2.81
C VAL A 11 -4.52 -11.15 -3.10
N VAL A 12 -3.81 -10.75 -4.16
CA VAL A 12 -2.62 -11.44 -4.61
C VAL A 12 -1.49 -10.44 -4.77
N ILE A 13 -0.33 -10.75 -4.19
CA ILE A 13 0.88 -9.96 -4.42
C ILE A 13 1.40 -10.27 -5.81
N VAL A 14 1.53 -9.23 -6.64
CA VAL A 14 1.96 -9.39 -8.03
C VAL A 14 3.29 -8.69 -8.30
N GLY A 15 3.84 -7.98 -7.33
CA GLY A 15 5.11 -7.31 -7.53
C GLY A 15 5.46 -6.49 -6.31
N ARG A 16 6.44 -5.61 -6.48
CA ARG A 16 6.90 -4.79 -5.37
C ARG A 16 7.54 -3.52 -5.90
N ILE A 17 7.63 -2.53 -5.03
CA ILE A 17 8.41 -1.33 -5.28
C ILE A 17 9.73 -1.51 -4.55
N ASN A 18 10.82 -1.61 -5.31
CA ASN A 18 12.13 -1.82 -4.71
C ASN A 18 12.69 -0.48 -4.24
N LEU A 19 13.00 -0.40 -2.94
CA LEU A 19 13.55 0.80 -2.34
C LEU A 19 14.92 0.54 -1.73
N SER A 20 15.54 -0.58 -2.08
CA SER A 20 16.74 -1.04 -1.39
C SER A 20 18.01 -0.34 -1.85
N GLY A 21 18.03 0.19 -3.08
CA GLY A 21 19.23 0.80 -3.61
C GLY A 21 19.16 2.31 -3.72
N ASP A 22 19.86 2.86 -4.71
CA ASP A 22 19.84 4.29 -4.96
C ASP A 22 18.70 4.71 -5.90
N THR A 23 18.14 3.77 -6.64
CA THR A 23 17.02 4.02 -7.54
C THR A 23 15.82 3.20 -7.10
N ALA A 24 14.65 3.83 -7.10
CA ALA A 24 13.40 3.14 -6.84
C ALA A 24 12.81 2.65 -8.15
N TYR A 25 12.35 1.40 -8.16
CA TYR A 25 11.76 0.86 -9.38
C TYR A 25 10.80 -0.26 -9.03
N ALA A 26 9.76 -0.37 -9.85
CA ALA A 26 8.76 -1.42 -9.70
C ALA A 26 9.27 -2.73 -10.30
N GLN A 27 8.99 -3.83 -9.63
CA GLN A 27 9.29 -5.16 -10.11
C GLN A 27 8.00 -5.97 -10.13
N GLN A 28 7.74 -6.66 -11.23
CA GLN A 28 6.63 -7.59 -11.27
C GLN A 28 7.13 -8.99 -10.95
N THR A 29 6.39 -9.70 -10.11
CA THR A 29 6.73 -11.05 -9.71
C THR A 29 5.71 -12.09 -10.15
N ARG A 30 4.56 -11.68 -10.68
CA ARG A 30 3.55 -12.61 -11.15
C ARG A 30 2.74 -11.96 -12.27
N GLY A 31 2.50 -12.72 -13.34
CA GLY A 31 1.71 -12.24 -14.45
C GLY A 31 0.21 -12.43 -14.24
N GLU A 32 -0.56 -11.89 -15.18
CA GLU A 32 -2.01 -11.86 -15.03
C GLU A 32 -2.59 -13.27 -14.91
N GLU A 33 -2.09 -14.22 -15.69
CA GLU A 33 -2.65 -15.58 -15.63
C GLU A 33 -2.40 -16.19 -14.26
N GLY A 34 -1.16 -16.15 -13.78
CA GLY A 34 -0.87 -16.69 -12.46
C GLY A 34 -1.59 -15.95 -11.35
N CYS A 35 -1.84 -14.65 -11.54
CA CYS A 35 -2.57 -13.88 -10.54
C CYS A 35 -4.00 -14.39 -10.40
N GLN A 36 -4.67 -14.60 -11.52
CA GLN A 36 -6.06 -15.07 -11.47
C GLN A 36 -6.16 -16.45 -10.85
N GLU A 37 -5.22 -17.34 -11.17
CA GLU A 37 -5.21 -18.66 -10.55
C GLU A 37 -4.95 -18.56 -9.05
N THR A 38 -3.98 -17.74 -8.66
CA THR A 38 -3.66 -17.59 -7.24
C THR A 38 -4.79 -16.95 -6.47
N SER A 39 -5.53 -16.04 -7.10
CA SER A 39 -6.67 -15.42 -6.43
C SER A 39 -7.77 -16.44 -6.14
N GLN A 40 -7.95 -17.41 -7.04
CA GLN A 40 -9.00 -18.41 -6.84
C GLN A 40 -8.59 -19.42 -5.77
N THR A 41 -7.35 -19.90 -5.82
CA THR A 41 -6.89 -20.88 -4.85
C THR A 41 -6.52 -20.24 -3.51
N GLY A 42 -6.03 -19.00 -3.53
CA GLY A 42 -5.47 -18.41 -2.34
C GLY A 42 -4.11 -18.95 -1.97
N ARG A 43 -3.47 -19.72 -2.86
CA ARG A 43 -2.19 -20.36 -2.58
C ARG A 43 -1.11 -19.67 -3.41
N ASP A 44 -0.26 -18.89 -2.74
CA ASP A 44 0.82 -18.15 -3.37
C ASP A 44 2.14 -18.62 -2.76
N LYS A 45 2.95 -19.32 -3.55
CA LYS A 45 4.23 -19.82 -3.10
C LYS A 45 5.40 -18.97 -3.57
N ASN A 46 5.13 -17.81 -4.18
CA ASN A 46 6.20 -16.90 -4.56
C ASN A 46 6.86 -16.31 -3.33
N GLN A 47 8.19 -16.19 -3.38
CA GLN A 47 8.91 -15.52 -2.32
C GLN A 47 8.57 -14.03 -2.30
N VAL A 48 8.34 -13.51 -1.10
CA VAL A 48 8.02 -12.11 -0.89
C VAL A 48 9.24 -11.39 -0.37
N GLU A 49 9.49 -10.18 -0.87
CA GLU A 49 10.56 -9.34 -0.36
C GLU A 49 10.09 -7.90 -0.27
N GLY A 50 10.77 -7.12 0.56
CA GLY A 50 10.60 -5.68 0.57
C GLY A 50 9.44 -5.19 1.41
N GLU A 51 9.26 -3.88 1.38
CA GLU A 51 8.30 -3.17 2.23
C GLU A 51 6.98 -2.86 1.52
N VAL A 52 7.04 -2.47 0.24
CA VAL A 52 5.86 -2.05 -0.50
C VAL A 52 5.56 -3.11 -1.54
N GLN A 53 4.38 -3.72 -1.44
CA GLN A 53 3.93 -4.74 -2.37
C GLN A 53 2.91 -4.14 -3.34
N ILE A 54 2.98 -4.59 -4.58
CA ILE A 54 1.92 -4.36 -5.55
C ILE A 54 0.96 -5.54 -5.47
N VAL A 55 -0.32 -5.25 -5.25
CA VAL A 55 -1.32 -6.28 -5.03
C VAL A 55 -2.43 -6.11 -6.05
N SER A 56 -3.18 -7.19 -6.27
N SER A 56 -3.18 -7.20 -6.26
CA SER A 56 -4.25 -7.19 -7.25
CA SER A 56 -4.25 -7.21 -7.25
C SER A 56 -5.36 -8.14 -6.82
C SER A 56 -5.36 -8.14 -6.79
N THR A 57 -6.59 -7.75 -7.12
CA THR A 57 -7.74 -8.64 -7.08
C THR A 57 -8.05 -9.03 -8.52
N ALA A 58 -9.21 -9.64 -8.75
CA ALA A 58 -9.62 -9.92 -10.11
C ALA A 58 -9.91 -8.64 -10.88
N THR A 59 -10.27 -7.55 -10.19
CA THR A 59 -10.78 -6.36 -10.82
C THR A 59 -9.98 -5.10 -10.55
N GLN A 60 -9.09 -5.10 -9.55
CA GLN A 60 -8.39 -3.88 -9.16
C GLN A 60 -6.94 -4.22 -8.84
N THR A 61 -6.07 -3.21 -8.99
CA THR A 61 -4.69 -3.30 -8.55
C THR A 61 -4.34 -2.06 -7.75
N PHE A 62 -3.54 -2.23 -6.71
CA PHE A 62 -3.18 -1.15 -5.80
C PHE A 62 -1.94 -1.60 -5.03
N LEU A 63 -1.64 -0.91 -3.92
CA LEU A 63 -0.43 -1.16 -3.15
C LEU A 63 -0.78 -1.65 -1.75
N ALA A 64 0.22 -2.25 -1.11
CA ALA A 64 0.12 -2.67 0.29
C ALA A 64 1.50 -2.50 0.91
N THR A 65 1.53 -2.01 2.15
CA THR A 65 2.77 -1.61 2.79
C THR A 65 2.90 -2.27 4.16
N SER A 66 4.06 -2.85 4.43
N SER A 66 4.06 -2.85 4.43
CA SER A 66 4.33 -3.50 5.70
CA SER A 66 4.33 -3.50 5.70
C SER A 66 4.85 -2.48 6.70
C SER A 66 4.85 -2.48 6.70
N ILE A 67 4.17 -2.35 7.83
CA ILE A 67 4.58 -1.47 8.92
C ILE A 67 4.36 -2.24 10.21
N ASN A 68 5.41 -2.39 11.02
CA ASN A 68 5.28 -3.01 12.34
C ASN A 68 4.76 -4.45 12.26
N GLY A 69 5.14 -5.16 11.20
CA GLY A 69 4.72 -6.55 11.06
C GLY A 69 3.33 -6.75 10.54
N VAL A 70 2.68 -5.71 10.02
CA VAL A 70 1.35 -5.80 9.43
C VAL A 70 1.44 -5.27 8.00
N LEU A 71 0.88 -6.03 7.06
CA LEU A 71 0.75 -5.56 5.69
C LEU A 71 -0.57 -4.79 5.57
N TRP A 72 -0.47 -3.49 5.36
CA TRP A 72 -1.62 -2.58 5.37
C TRP A 72 -2.03 -2.23 3.95
N THR A 73 -3.33 -2.05 3.76
CA THR A 73 -3.85 -1.48 2.50
C THR A 73 -5.22 -0.87 2.77
N VAL A 74 -5.90 -0.46 1.70
CA VAL A 74 -7.16 0.28 1.80
C VAL A 74 -8.34 -0.68 1.67
N TYR A 75 -9.40 -0.39 2.42
CA TYR A 75 -10.63 -1.17 2.29
C TYR A 75 -11.25 -1.03 0.91
N HIS A 76 -11.15 0.14 0.30
CA HIS A 76 -11.80 0.32 -1.01
C HIS A 76 -11.08 -0.46 -2.11
N GLY A 77 -9.92 -1.03 -1.82
CA GLY A 77 -9.27 -1.94 -2.75
C GLY A 77 -9.49 -3.39 -2.36
N ALA A 78 -9.22 -3.73 -1.09
CA ALA A 78 -9.24 -5.11 -0.64
C ALA A 78 -10.60 -5.57 -0.15
N GLY A 79 -11.49 -4.66 0.24
CA GLY A 79 -12.67 -5.08 0.95
C GLY A 79 -12.31 -5.93 2.14
N THR A 80 -13.09 -6.99 2.37
CA THR A 80 -12.84 -7.94 3.44
C THR A 80 -12.11 -9.18 2.96
N ARG A 81 -11.42 -9.10 1.82
N ARG A 81 -11.42 -9.11 1.82
CA ARG A 81 -10.85 -10.29 1.21
CA ARG A 81 -10.84 -10.29 1.22
C ARG A 81 -9.67 -10.83 2.01
C ARG A 81 -9.68 -10.84 2.04
N THR A 82 -9.48 -12.15 1.92
CA THR A 82 -8.26 -12.78 2.37
C THR A 82 -7.12 -12.41 1.43
N ILE A 83 -5.89 -12.70 1.84
CA ILE A 83 -4.72 -12.54 1.00
C ILE A 83 -4.11 -13.93 0.76
N ALA A 84 -3.63 -14.15 -0.45
CA ALA A 84 -3.03 -15.44 -0.79
C ALA A 84 -1.70 -15.61 -0.07
N SER A 85 -1.44 -16.82 0.41
CA SER A 85 -0.20 -17.12 1.10
C SER A 85 0.25 -18.53 0.76
N PRO A 86 1.48 -18.91 1.13
CA PRO A 86 1.96 -20.26 0.79
C PRO A 86 1.09 -21.38 1.33
N LYS A 87 0.42 -21.16 2.46
CA LYS A 87 -0.41 -22.19 3.10
C LYS A 87 -1.90 -21.99 2.82
N GLY A 88 -2.26 -21.04 1.95
CA GLY A 88 -3.64 -20.78 1.65
C GLY A 88 -4.05 -19.38 2.04
N PRO A 89 -5.34 -19.06 1.86
CA PRO A 89 -5.80 -17.69 2.12
C PRO A 89 -5.69 -17.33 3.60
N VAL A 90 -5.28 -16.09 3.86
CA VAL A 90 -5.09 -15.59 5.22
C VAL A 90 -6.15 -14.52 5.48
N THR A 91 -6.88 -14.68 6.58
CA THR A 91 -7.94 -13.74 6.93
C THR A 91 -7.35 -12.44 7.46
N GLN A 92 -8.05 -11.34 7.20
CA GLN A 92 -7.62 -10.05 7.69
C GLN A 92 -7.51 -10.05 9.21
N MET A 93 -6.45 -9.42 9.69
CA MET A 93 -6.21 -9.20 11.11
C MET A 93 -6.79 -7.88 11.57
N TYR A 94 -6.94 -6.93 10.66
CA TYR A 94 -7.55 -5.63 10.94
C TYR A 94 -8.50 -5.28 9.80
N THR A 95 -9.65 -4.71 10.16
CA THR A 95 -10.61 -4.20 9.18
C THR A 95 -11.28 -2.99 9.80
N ASN A 96 -11.13 -1.82 9.15
CA ASN A 96 -11.77 -0.60 9.64
C ASN A 96 -12.24 0.20 8.43
N VAL A 97 -13.52 0.03 8.08
CA VAL A 97 -14.12 0.74 6.95
C VAL A 97 -14.19 2.23 7.21
N ASP A 98 -14.29 2.63 8.48
CA ASP A 98 -14.35 4.05 8.80
C ASP A 98 -13.03 4.75 8.52
N LYS A 99 -11.92 4.02 8.55
CA LYS A 99 -10.62 4.55 8.19
C LYS A 99 -10.20 4.17 6.78
N ASP A 100 -11.01 3.35 6.08
CA ASP A 100 -10.63 2.82 4.77
C ASP A 100 -9.36 1.98 4.87
N LEU A 101 -9.30 1.14 5.92
CA LEU A 101 -8.06 0.48 6.32
C LEU A 101 -8.31 -0.99 6.54
N VAL A 102 -7.41 -1.84 6.01
CA VAL A 102 -7.36 -3.26 6.33
C VAL A 102 -5.90 -3.65 6.50
N GLY A 103 -5.70 -4.79 7.17
CA GLY A 103 -4.36 -5.29 7.38
C GLY A 103 -4.35 -6.79 7.59
N TRP A 104 -3.30 -7.44 7.09
CA TRP A 104 -3.01 -8.84 7.37
C TRP A 104 -1.63 -8.92 8.03
N GLN A 105 -1.36 -10.07 8.67
CA GLN A 105 -0.02 -10.35 9.13
C GLN A 105 0.96 -10.22 7.97
N ALA A 106 2.11 -9.61 8.24
CA ALA A 106 3.07 -9.36 7.18
C ALA A 106 3.61 -10.67 6.63
N PRO A 107 3.76 -10.79 5.31
CA PRO A 107 4.21 -12.07 4.74
C PRO A 107 5.63 -12.42 5.18
N GLN A 108 5.87 -13.71 5.35
CA GLN A 108 7.22 -14.21 5.57
C GLN A 108 8.15 -13.72 4.46
N GLY A 109 9.25 -13.09 4.85
CA GLY A 109 10.22 -12.56 3.91
C GLY A 109 10.11 -11.07 3.67
N SER A 110 8.97 -10.47 3.97
CA SER A 110 8.83 -9.03 3.84
C SER A 110 9.68 -8.32 4.89
N ARG A 111 9.90 -7.02 4.66
CA ARG A 111 10.52 -6.15 5.63
C ARG A 111 9.53 -5.05 6.00
N SER A 112 9.48 -4.71 7.28
CA SER A 112 8.52 -3.73 7.77
C SER A 112 9.18 -2.37 7.91
N LEU A 113 8.46 -1.34 7.50
CA LEU A 113 8.87 0.02 7.82
C LEU A 113 8.63 0.32 9.29
N THR A 114 9.46 1.19 9.85
CA THR A 114 9.32 1.60 11.23
C THR A 114 8.40 2.81 11.31
N PRO A 115 7.44 2.85 12.26
CA PRO A 115 6.59 4.03 12.37
C PRO A 115 7.39 5.27 12.73
N CYS A 116 7.06 6.38 12.06
CA CYS A 116 7.81 7.61 12.25
C CYS A 116 7.51 8.22 13.62
N THR A 117 8.58 8.66 14.30
CA THR A 117 8.46 9.47 15.51
C THR A 117 9.19 10.80 15.36
N CYS A 118 9.49 11.19 14.11
CA CYS A 118 10.28 12.39 13.87
C CYS A 118 9.48 13.67 14.01
N GLY A 119 8.16 13.61 13.78
CA GLY A 119 7.36 14.81 13.77
C GLY A 119 7.67 15.74 12.62
N SER A 120 8.22 15.22 11.53
CA SER A 120 8.57 16.03 10.37
C SER A 120 7.38 16.17 9.43
N SER A 121 7.33 17.31 8.73
CA SER A 121 6.28 17.58 7.77
C SER A 121 6.77 17.53 6.32
N ASP A 122 8.01 17.11 6.11
CA ASP A 122 8.58 16.95 4.76
C ASP A 122 8.51 15.48 4.41
N LEU A 123 7.50 15.09 3.63
CA LEU A 123 7.19 13.70 3.37
C LEU A 123 7.47 13.33 1.91
N TYR A 124 7.35 12.03 1.64
CA TYR A 124 7.58 11.47 0.31
C TYR A 124 6.57 10.37 0.08
N LEU A 125 5.81 10.48 -1.01
CA LEU A 125 4.83 9.48 -1.39
C LEU A 125 5.45 8.55 -2.44
N VAL A 126 5.33 7.25 -2.22
CA VAL A 126 5.84 6.24 -3.13
C VAL A 126 4.66 5.68 -3.91
N THR A 127 4.72 5.78 -5.23
CA THR A 127 3.64 5.33 -6.10
C THR A 127 3.92 3.95 -6.68
N ARG A 128 2.89 3.38 -7.31
CA ARG A 128 3.02 2.05 -7.91
C ARG A 128 3.99 2.05 -9.09
N HIS A 129 4.29 3.22 -9.65
CA HIS A 129 5.26 3.35 -10.71
C HIS A 129 6.64 3.73 -10.19
N ALA A 130 6.85 3.62 -8.88
CA ALA A 130 8.11 3.90 -8.22
C ALA A 130 8.52 5.36 -8.31
N ASP A 131 7.56 6.26 -8.55
CA ASP A 131 7.80 7.68 -8.35
C ASP A 131 7.87 7.97 -6.85
N VAL A 132 8.85 8.78 -6.45
CA VAL A 132 8.96 9.25 -5.08
C VAL A 132 8.62 10.74 -5.11
N ILE A 133 7.44 11.08 -4.62
CA ILE A 133 6.83 12.38 -4.83
C ILE A 133 6.93 13.18 -3.53
N PRO A 134 7.63 14.32 -3.53
CA PRO A 134 7.66 15.14 -2.31
C PRO A 134 6.28 15.68 -1.97
N VAL A 135 5.94 15.61 -0.69
CA VAL A 135 4.65 16.04 -0.17
C VAL A 135 4.91 16.81 1.13
N ARG A 136 4.33 18.00 1.24
CA ARG A 136 4.41 18.78 2.47
C ARG A 136 3.19 18.44 3.32
N ARG A 137 3.42 17.95 4.53
CA ARG A 137 2.32 17.62 5.41
C ARG A 137 1.54 18.87 5.77
N ARG A 138 0.21 18.80 5.66
CA ARG A 138 -0.66 19.93 5.92
C ARG A 138 -1.65 19.67 7.04
N GLY A 139 -1.71 18.47 7.57
CA GLY A 139 -2.61 18.16 8.67
C GLY A 139 -2.38 16.75 9.14
N ASP A 140 -3.26 16.27 10.02
CA ASP A 140 -3.08 14.91 10.52
C ASP A 140 -3.20 13.89 9.38
N SER A 141 -3.99 14.17 8.35
CA SER A 141 -4.26 13.21 7.28
C SER A 141 -4.12 13.83 5.90
N ARG A 142 -3.43 14.96 5.77
CA ARG A 142 -3.36 15.67 4.50
C ARG A 142 -1.94 16.12 4.21
N GLY A 143 -1.60 16.12 2.93
CA GLY A 143 -0.35 16.70 2.47
C GLY A 143 -0.53 17.21 1.05
N SER A 144 0.20 18.28 0.74
CA SER A 144 0.13 18.90 -0.57
C SER A 144 1.29 18.44 -1.44
N LEU A 145 1.00 18.21 -2.72
CA LEU A 145 2.05 17.89 -3.68
C LEU A 145 2.86 19.14 -3.97
N LEU A 146 4.19 19.02 -3.91
CA LEU A 146 5.04 20.13 -4.30
C LEU A 146 4.90 20.43 -5.78
N SER A 147 4.66 19.40 -6.58
CA SER A 147 4.38 19.54 -8.01
C SER A 147 3.09 18.80 -8.32
N PRO A 148 1.96 19.51 -8.44
CA PRO A 148 0.71 18.83 -8.80
C PRO A 148 0.86 18.08 -10.13
N ARG A 149 -0.05 17.14 -10.35
CA ARG A 149 -0.07 16.38 -11.59
C ARG A 149 -1.42 15.67 -11.71
N PRO A 150 -1.79 15.23 -12.92
CA PRO A 150 -3.09 14.59 -13.12
C PRO A 150 -3.28 13.42 -12.17
N ILE A 151 -4.53 13.21 -11.74
CA ILE A 151 -4.83 12.11 -10.84
C ILE A 151 -4.49 10.78 -11.47
N SER A 152 -4.43 10.71 -12.81
CA SER A 152 -4.06 9.48 -13.48
C SER A 152 -2.76 8.91 -12.92
N TYR A 153 -1.83 9.78 -12.54
CA TYR A 153 -0.52 9.35 -12.07
C TYR A 153 -0.56 8.76 -10.67
N LEU A 154 -1.61 9.04 -9.91
CA LEU A 154 -1.77 8.50 -8.56
C LEU A 154 -2.70 7.31 -8.50
N LYS A 155 -3.55 7.12 -9.51
CA LYS A 155 -4.47 6.00 -9.51
C LYS A 155 -3.72 4.69 -9.42
N GLY A 156 -4.18 3.82 -8.53
CA GLY A 156 -3.52 2.55 -8.29
C GLY A 156 -2.44 2.57 -7.24
N SER A 157 -2.23 3.71 -6.57
CA SER A 157 -1.20 3.83 -5.55
C SER A 157 -1.77 3.89 -4.13
N SER A 158 -3.08 3.81 -3.96
CA SER A 158 -3.62 3.67 -2.61
C SER A 158 -3.01 2.46 -1.93
N GLY A 159 -2.81 2.56 -0.63
CA GLY A 159 -2.08 1.55 0.11
C GLY A 159 -0.58 1.77 0.14
N GLY A 160 -0.06 2.69 -0.67
CA GLY A 160 1.35 3.00 -0.66
C GLY A 160 1.70 3.92 0.49
N PRO A 161 2.99 4.02 0.81
CA PRO A 161 3.41 4.76 1.98
C PRO A 161 3.73 6.23 1.73
N LEU A 162 3.50 7.03 2.75
CA LEU A 162 4.14 8.34 2.89
C LEU A 162 5.28 8.19 3.89
N LEU A 163 6.48 8.60 3.48
CA LEU A 163 7.69 8.41 4.25
C LEU A 163 8.25 9.75 4.72
N CYS A 164 8.91 9.72 5.87
CA CYS A 164 9.66 10.88 6.35
C CYS A 164 11.04 10.88 5.71
N PRO A 165 11.82 11.94 5.94
CA PRO A 165 13.17 11.97 5.33
C PRO A 165 14.04 10.79 5.72
N ALA A 166 13.83 10.23 6.91
CA ALA A 166 14.63 9.11 7.38
C ALA A 166 14.09 7.76 6.92
N GLY A 167 13.03 7.74 6.13
CA GLY A 167 12.47 6.50 5.64
C GLY A 167 11.50 5.81 6.56
N HIS A 168 11.01 6.50 7.60
CA HIS A 168 9.98 5.93 8.43
C HIS A 168 8.62 6.07 7.74
N ALA A 169 7.69 5.21 8.15
CA ALA A 169 6.32 5.28 7.64
C ALA A 169 5.56 6.36 8.41
N VAL A 170 5.00 7.32 7.67
CA VAL A 170 4.21 8.39 8.27
C VAL A 170 2.72 8.14 8.02
N GLY A 171 2.39 7.43 6.94
CA GLY A 171 1.00 7.15 6.68
C GLY A 171 0.81 6.26 5.45
N ILE A 172 -0.45 5.94 5.19
CA ILE A 172 -0.86 5.11 4.07
C ILE A 172 -1.73 5.94 3.14
N PHE A 173 -1.34 6.03 1.87
CA PHE A 173 -2.07 6.79 0.87
C PHE A 173 -3.49 6.25 0.71
N ARG A 174 -4.48 7.14 0.85
CA ARG A 174 -5.88 6.74 0.84
C ARG A 174 -6.67 7.38 -0.29
N ALA A 175 -6.56 8.69 -0.50
CA ALA A 175 -7.37 9.35 -1.51
C ALA A 175 -6.65 10.59 -2.02
N ALA A 176 -7.03 11.02 -3.22
CA ALA A 176 -6.44 12.18 -3.87
C ALA A 176 -7.43 13.34 -3.86
N VAL A 177 -6.89 14.53 -3.59
CA VAL A 177 -7.66 15.77 -3.61
C VAL A 177 -7.32 16.48 -4.92
N SER A 178 -8.31 16.64 -5.79
CA SER A 178 -8.05 17.15 -7.13
C SER A 178 -9.03 18.26 -7.50
N THR A 179 -8.59 19.13 -8.40
CA THR A 179 -9.41 20.16 -9.00
C THR A 179 -9.22 20.07 -10.51
N ARG A 180 -10.30 19.81 -11.24
CA ARG A 180 -10.25 19.66 -12.69
C ARG A 180 -9.25 18.58 -13.08
N GLY A 181 -9.33 17.44 -12.41
CA GLY A 181 -8.49 16.31 -12.70
C GLY A 181 -7.04 16.42 -12.27
N VAL A 182 -6.65 17.52 -11.61
CA VAL A 182 -5.28 17.73 -11.18
C VAL A 182 -5.20 17.48 -9.68
N ALA A 183 -4.32 16.57 -9.28
CA ALA A 183 -4.10 16.28 -7.87
C ALA A 183 -3.22 17.36 -7.26
N LYS A 184 -3.79 18.13 -6.32
CA LYS A 184 -3.02 19.12 -5.56
C LYS A 184 -2.63 18.63 -4.18
N ALA A 185 -3.36 17.68 -3.61
CA ALA A 185 -3.10 17.21 -2.26
C ALA A 185 -3.47 15.73 -2.16
N VAL A 186 -3.05 15.11 -1.06
CA VAL A 186 -3.35 13.71 -0.82
C VAL A 186 -3.90 13.55 0.60
N ASP A 187 -4.80 12.59 0.75
CA ASP A 187 -5.37 12.19 2.02
C ASP A 187 -4.79 10.83 2.38
N PHE A 188 -4.34 10.68 3.63
CA PHE A 188 -3.67 9.46 4.02
C PHE A 188 -4.03 9.07 5.45
N ILE A 189 -3.91 7.78 5.73
CA ILE A 189 -4.13 7.22 7.06
C ILE A 189 -2.84 7.43 7.85
N PRO A 190 -2.83 8.27 8.88
CA PRO A 190 -1.58 8.48 9.63
C PRO A 190 -1.18 7.21 10.38
N VAL A 191 0.13 7.04 10.54
CA VAL A 191 0.65 5.83 11.18
C VAL A 191 0.15 5.72 12.61
N GLU A 192 -0.10 6.87 13.27
CA GLU A 192 -0.66 6.82 14.62
C GLU A 192 -2.03 6.16 14.64
N SER A 193 -2.80 6.37 13.58
CA SER A 193 -4.10 5.70 13.47
C SER A 193 -3.92 4.20 13.28
N LEU A 194 -2.88 3.80 12.55
CA LEU A 194 -2.52 2.38 12.49
C LEU A 194 -2.12 1.88 13.88
N GLU A 195 -1.23 2.62 14.56
CA GLU A 195 -0.72 2.16 15.84
C GLU A 195 -1.83 2.05 16.88
N THR A 196 -2.85 2.92 16.81
CA THR A 196 -4.00 2.77 17.70
C THR A 196 -4.80 1.52 17.36
N THR A 197 -5.19 1.39 16.07
CA THR A 197 -5.88 0.19 15.61
C THR A 197 -5.17 -1.07 16.11
N MET A 198 -3.84 -1.07 16.04
CA MET A 198 -3.05 -2.21 16.52
C MET A 198 -3.30 -2.40 18.01
ZN ZN B . 10.64 9.69 10.83
C10 ZK4 C . -10.38 9.26 -4.26
C10 ZK4 C . -10.36 9.16 -4.18
C17 ZK4 C . -11.92 12.97 -0.59
C17 ZK4 C . -11.82 12.89 -0.54
C21 ZK4 C . -12.86 6.34 -0.62
C21 ZK4 C . -12.82 6.36 -0.61
C24 ZK4 C . -13.63 4.74 1.76
C24 ZK4 C . -13.57 4.81 1.81
C26 ZK4 C . -12.45 6.79 0.81
C26 ZK4 C . -12.44 6.86 0.81
C28 ZK4 C . -15.28 2.15 1.34
C28 ZK4 C . -15.14 2.18 1.42
C01 ZK4 C . -10.39 6.85 -3.47
C01 ZK4 C . -10.48 6.74 -3.43
C02 ZK4 C . -11.60 5.68 -3.30
C02 ZK4 C . -11.73 5.63 -3.36
C03 ZK4 C . -12.64 6.40 -3.01
C03 ZK4 C . -12.73 6.40 -2.99
C04 ZK4 C . -12.54 7.55 -4.15
C04 ZK4 C . -12.58 7.56 -4.11
C06 ZK4 C . -9.26 6.54 -4.39
C06 ZK4 C . -9.31 6.57 -4.36
C09 ZK4 C . -6.61 6.46 -4.47
C09 ZK4 C . -6.66 6.35 -4.41
C11 ZK4 C . -11.24 10.40 -4.82
C11 ZK4 C . -11.19 10.32 -4.73
C14 ZK4 C . -11.74 11.76 -2.72
C14 ZK4 C . -11.69 11.61 -2.62
C18 ZK4 C . -10.77 10.72 -6.23
C18 ZK4 C . -10.67 10.67 -6.11
C19 ZK4 C . -11.00 9.50 -7.18
C19 ZK4 C . -10.88 9.47 -7.08
C23 ZK4 C . -14.03 4.32 0.37
C23 ZK4 C . -13.95 4.35 0.42
C27 ZK4 C . -14.86 3.02 0.14
C27 ZK4 C . -14.74 3.02 0.21
C29 ZK4 C . -14.89 2.59 2.76
C29 ZK4 C . -14.78 2.65 2.85
C30 ZK4 C . -14.06 3.87 2.99
C30 ZK4 C . -13.99 3.96 3.04
C32 ZK4 C . -16.15 0.59 -0.22
C32 ZK4 C . -16.07 0.61 -0.12
C33 ZK4 C . -11.64 8.09 1.01
C33 ZK4 C . -11.65 8.17 0.99
C34 ZK4 C . -6.44 5.19 -5.35
C34 ZK4 C . -6.42 5.14 -5.36
C40 ZK4 C . -8.51 1.57 -6.33
C40 ZK4 C . -8.43 1.54 -6.31
C41 ZK4 C . -8.13 0.12 -6.65
C41 ZK4 C . -8.15 0.08 -6.67
C42 ZK4 C . -8.32 0.57 -5.19
C42 ZK4 C . -8.29 0.50 -5.20
C43 ZK4 C . -9.97 1.98 -6.65
C43 ZK4 C . -9.86 2.07 -6.56
C44 ZK4 C . -6.30 7.69 -5.35
C44 ZK4 C . -6.39 7.63 -5.24
C45 ZK4 C . -5.89 7.95 -6.83
C45 ZK4 C . -5.86 7.98 -6.67
C46 ZK4 C . -6.66 8.60 -7.73
C46 ZK4 C . -6.52 8.76 -7.56
C47 ZK4 C . -8.07 9.14 -7.37
C47 ZK4 C . -7.89 9.40 -7.29
C48 ZK4 C . -8.98 8.92 -8.62
C48 ZK4 C . -8.83 8.97 -8.46
C49 ZK4 C . -5.27 7.17 -4.32
C49 ZK4 C . -5.38 7.13 -4.19
C50 ZK4 C . -10.27 9.79 -8.52
C50 ZK4 C . -10.16 9.79 -8.41
C51 ZK4 C . -11.08 14.24 0.16
C51 ZK4 C . -11.75 11.45 0.38
C52 ZK4 C . -9.96 13.68 0.68
C52 ZK4 C . -13.03 11.07 0.67
C53 ZK4 C . -10.47 12.21 1.15
C53 ZK4 C . -13.93 12.38 0.48
C54 ZK4 C . -11.78 11.89 0.24
C54 ZK4 C . -13.12 13.32 -0.58
C55 ZK4 C . -13.38 13.39 -0.75
C55 ZK4 C . -10.91 13.94 0.10
F56 ZK4 C . -13.44 14.50 -1.53
F56 ZK4 C . -9.65 13.41 0.18
F57 ZK4 C . -13.94 13.68 0.47
F57 ZK4 C . -11.35 14.27 1.35
F58 ZK4 C . -14.11 12.38 -1.34
F58 ZK4 C . -10.88 15.04 -0.71
N05 ZK4 C . -11.01 7.97 -3.97
N05 ZK4 C . -11.04 7.91 -3.90
N08 ZK4 C . -7.91 6.66 -3.79
N08 ZK4 C . -7.98 6.45 -3.72
N13 ZK4 C . -11.06 11.60 -4.02
N13 ZK4 C . -11.00 11.48 -3.90
N22 ZK4 C . -13.64 5.11 -0.81
N22 ZK4 C . -13.57 5.12 -0.78
N25 ZK4 C . -12.85 5.99 1.96
N25 ZK4 C . -12.81 6.07 1.98
N35 ZK4 C . -7.51 4.18 -5.51
N35 ZK4 C . -7.35 4.01 -5.41
O07 ZK4 C . -9.43 6.24 -5.53
O07 ZK4 C . -9.45 6.61 -5.54
O12 ZK4 C . -9.22 9.41 -4.07
O12 ZK4 C . -9.19 9.28 -3.98
O15 ZK4 C . -11.28 12.76 -1.85
O15 ZK4 C . -11.32 12.73 -1.85
O16 ZK4 C . -12.64 11.05 -2.42
O16 ZK4 C . -12.53 10.84 -2.27
O20 ZK4 C . -12.49 7.11 -1.74
O20 ZK4 C . -12.47 7.10 -1.76
O31 ZK4 C . -16.02 0.98 1.12
O31 ZK4 C . -15.87 0.98 1.23
O36 ZK4 C . -5.41 4.99 -5.92
O36 ZK4 C . -5.45 5.13 -6.06
O38 ZK4 C . -6.96 3.22 -7.91
O38 ZK4 C . -6.79 3.15 -7.85
O39 ZK4 C . -5.86 2.24 -6.18
O39 ZK4 C . -5.72 2.05 -6.16
S37 ZK4 C . -7.16 2.82 -6.52
S37 ZK4 C . -7.00 2.70 -6.47
H011 ZK4 C . -10.04 6.94 -2.57
H011 ZK4 C . -10.15 6.68 -2.52
H021 ZK4 C . -11.39 5.06 -2.58
H021 ZK4 C . -11.56 4.95 -2.69
H022 ZK4 C . -11.73 5.20 -4.13
H022 ZK4 C . -11.90 5.22 -4.22
H031 ZK4 C . -13.45 5.86 -3.01
H031 ZK4 C . -13.55 5.89 -2.96
H041 ZK4 C . -13.13 8.29 -3.97
H041 ZK4 C . -13.16 8.32 -3.91
H042 ZK4 C . -12.70 7.19 -5.03
H042 ZK4 C . -12.76 7.23 -5.01
H111 ZK4 C . -12.17 10.12 -4.82
H111 ZK4 C . -12.12 10.06 -4.76
H181 ZK4 C . -9.82 10.94 -6.21
H181 ZK4 C . -9.72 10.88 -6.06
H182 ZK4 C . -11.27 11.48 -6.57
H182 ZK4 C . -11.15 11.44 -6.45
H191 ZK4 C . -11.95 9.37 -7.33
H191 ZK4 C . -11.84 9.35 -7.24
H192 ZK4 C . -10.64 8.70 -6.77
H192 ZK4 C . -10.52 8.67 -6.69
H271 ZK4 C . -15.09 2.77 -0.72
H271 ZK4 C . -14.97 2.75 -0.65
H291 ZK4 C . -15.14 2.06 3.49
H291 ZK4 C . -15.02 2.14 3.58
H301 ZK4 C . -13.83 4.13 3.84
H301 ZK4 C . -13.77 4.24 3.90
H321 ZK4 C . -16.56 -0.30 -0.26
H321 ZK4 C . -16.51 -0.25 -0.15
H322 ZK4 C . -15.27 0.56 -0.63
H322 ZK4 C . -15.22 0.56 -0.57
H323 ZK4 C . -16.72 1.22 -0.69
H323 ZK4 C . -16.64 1.27 -0.56
H333 ZK4 C . -11.55 8.55 0.16
H333 ZK4 C . -11.58 8.63 0.15
H331 ZK4 C . -10.76 7.86 1.35
H331 ZK4 C . -10.75 7.97 1.32
H332 ZK4 C . -12.09 8.66 1.64
H332 ZK4 C . -12.11 8.73 1.64
H411 ZK4 C . -7.21 -0.02 -6.92
H411 ZK4 C . -7.25 -0.12 -6.96
H412 ZK4 C . -8.84 -0.43 -7.02
H412 ZK4 C . -8.90 -0.41 -7.04
H421 ZK4 C . -9.14 0.26 -4.77
H421 ZK4 C . -9.12 0.23 -4.77
H422 ZK4 C . -7.51 0.67 -4.67
H422 ZK4 C . -7.47 0.53 -4.69
H432 ZK4 C . -10.57 1.42 -6.14
H432 ZK4 C . -10.49 1.51 -6.08
H431 ZK4 C . -10.13 1.86 -7.60
H431 ZK4 C . -10.05 2.04 -7.52
H433 ZK4 C . -10.11 2.91 -6.41
H433 ZK4 C . -9.93 2.99 -6.25
H441 ZK4 C . -6.89 8.40 -5.05
H441 ZK4 C . -7.06 8.27 -4.96
H451 ZK4 C . -5.05 7.64 -7.11
H451 ZK4 C . -5.05 7.61 -6.92
H461 ZK4 C . -6.34 8.72 -8.59
H461 ZK4 C . -6.12 8.91 -8.39
H472 ZK4 C . -8.02 10.08 -7.16
H472 ZK4 C . -7.81 10.36 -7.27
H471 ZK4 C . -8.42 8.65 -6.61
H471 ZK4 C . -8.25 9.08 -6.44
H482 ZK4 C . -9.22 7.98 -8.67
H482 ZK4 C . -9.03 8.03 -8.38
H481 ZK4 C . -8.49 9.18 -9.42
H481 ZK4 C . -8.39 9.14 -9.30
H491 ZK4 C . -4.51 6.71 -4.70
H491 ZK4 C . -4.57 6.72 -4.55
H492 ZK4 C . -5.16 7.71 -3.53
H492 ZK4 C . -5.33 7.64 -3.37
H501 ZK4 C . -10.04 10.73 -8.57
H501 ZK4 C . -9.96 10.73 -8.46
H502 ZK4 C . -10.86 9.56 -9.25
H502 ZK4 C . -10.73 9.53 -9.16
H511 ZK4 C . -10.84 14.92 -0.50
H511 ZK4 C . -11.26 11.60 1.20
H512 ZK4 C . -11.63 14.64 0.86
H512 ZK4 C . -11.32 10.75 -0.15
H522 ZK4 C . -9.64 14.18 1.43
H522 ZK4 C . -13.09 10.76 1.59
H521 ZK4 C . -9.28 13.59 0.00
H521 ZK4 C . -13.32 10.37 0.06
H531 ZK4 C . -10.71 12.23 2.09
H531 ZK4 C . -14.03 12.86 1.32
H532 ZK4 C . -9.78 11.55 0.98
H532 ZK4 C . -14.80 12.15 0.11
H541 ZK4 C . -11.64 11.09 -0.28
H541 ZK4 C . -13.48 13.19 -1.47
H081 ZK4 C . -7.88 6.87 -2.95
H081 ZK4 C . -7.97 6.42 -2.86
H131 ZK4 C . -10.55 12.23 -4.30
H131 ZK4 C . -10.46 12.10 -4.15
H351 ZK4 C . -8.27 4.27 -5.13
H351 ZK4 C . -8.05 4.00 -4.92
H542 ZK4 C . -12.56 11.80 0.80
H542 ZK4 C . -13.18 14.24 -0.31
C1 EDO D . -8.02 8.35 10.12
O1 EDO D . -9.21 7.99 9.40
C2 EDO D . -7.31 9.44 9.34
O2 EDO D . -8.28 10.37 8.85
H11 EDO D . -8.28 8.70 11.12
H12 EDO D . -7.37 7.48 10.23
HO1 EDO D . -9.96 7.96 10.01
H21 EDO D . -6.58 9.96 9.99
H22 EDO D . -6.75 9.00 8.51
HO2 EDO D . -7.84 11.10 8.42
C1 EDO E . -15.25 -5.56 -5.86
O1 EDO E . -15.13 -6.73 -6.68
C2 EDO E . -14.41 -4.44 -6.46
O2 EDO E . -14.24 -4.67 -7.86
H11 EDO E . -14.90 -5.77 -4.85
H12 EDO E . -16.30 -5.25 -5.80
HO1 EDO E . -15.65 -7.45 -6.28
H21 EDO E . -14.90 -3.48 -6.30
H22 EDO E . -13.44 -4.39 -5.97
HO2 EDO E . -13.77 -3.92 -8.26
S SO4 F . 13.47 -6.78 -12.29
O1 SO4 F . 14.11 -8.05 -12.58
O2 SO4 F . 14.17 -6.15 -11.17
O3 SO4 F . 13.54 -5.91 -13.47
O4 SO4 F . 12.08 -7.01 -11.94
#